data_4WVH
#
_entry.id   4WVH
#
_cell.length_a   63.661
_cell.length_b   80.193
_cell.length_c   119.426
_cell.angle_alpha   90.000
_cell.angle_beta   90.000
_cell.angle_gamma   90.000
#
_symmetry.space_group_name_H-M   'P 21 21 21'
#
loop_
_entity.id
_entity.type
_entity.pdbx_description
1 polymer 'Maltose-binding periplasmic protein,Signal peptidase IB'
2 polymer 'substrate peptide (pep1)'
3 branched alpha-D-glucopyranose-(1-4)-alpha-D-glucopyranose
4 water water
#
loop_
_entity_poly.entity_id
_entity_poly.type
_entity_poly.pdbx_seq_one_letter_code
_entity_poly.pdbx_strand_id
1 'polypeptide(L)'
;MSYYHHHHHHHMLVIWINGDKGYNGLAQVGKKFEKDTGIKVTVEHPYKLEEKFPQVAATGDGPDIIFWAHDRFGGYACSG
LLAEITPDKAFQDKLYPFTWDAVRYNGKLIAYPIAVEALSLIYNKDLLPNPPKTWEEIPALDGELKAKGKSALMFNLQEP
YFTWPLIAADGGYAFKYENGKYDIKDVGVDNAGAKAGLTFLVDLIKNKHMNADTDYSIAEAAFNKGETAMTINGPWAWSN
IDTSKVNYGVTVLPTFKGQPSKPFVGVLSAGINAASPNKELAKEFLENYLLTDEGLEAVNKDKPLGAVALKSYEEELAKD
PRIAATMENAQKGEIMPNIPQMSAFWYAVRTAVINAASGRQTVDEALKDAQTNAGAIVTPYTIKGESMDPTLKDGERVAV
NIVGYKTGGLEKGNVVVFHANKNDDYVKRVIGVPGDKVEYKNDTLYVNGKKQDEPYLNYNLKHKQGDYITGTFQVKDLPN
ANPKSNVIPKGKYLVLGDNREVSKDSRAFGLIDEDQIVGKVSFRFWSHPQFEK
;
A
2 'polypeptide(L)' DHDAHA C
#
loop_
_chem_comp.id
_chem_comp.type
_chem_comp.name
_chem_comp.formula
GLC D-saccharide, alpha linking alpha-D-glucopyranose 'C6 H12 O6'
#
# COMPACT_ATOMS: atom_id res chain seq x y z
N HIS A 9 22.09 -4.93 -19.11
CA HIS A 9 21.36 -6.23 -19.16
C HIS A 9 22.11 -7.34 -18.41
N HIS A 10 23.23 -7.82 -18.96
CA HIS A 10 23.78 -9.13 -18.57
C HIS A 10 25.01 -9.22 -17.63
N HIS A 11 26.12 -8.56 -17.93
CA HIS A 11 27.33 -8.73 -17.09
C HIS A 11 27.44 -7.65 -16.02
N MET A 12 26.38 -7.51 -15.21
CA MET A 12 26.26 -6.42 -14.24
C MET A 12 25.07 -6.59 -13.29
N LEU A 13 24.98 -5.71 -12.28
CA LEU A 13 23.86 -5.72 -11.34
C LEU A 13 23.33 -4.33 -11.07
N VAL A 14 22.01 -4.18 -11.21
CA VAL A 14 21.33 -2.94 -10.88
C VAL A 14 20.49 -3.16 -9.63
N ILE A 15 20.66 -2.26 -8.67
CA ILE A 15 20.07 -2.39 -7.36
C ILE A 15 19.27 -1.16 -7.03
N TRP A 16 18.05 -1.36 -6.52
CA TRP A 16 17.22 -0.28 -6.03
C TRP A 16 17.12 -0.31 -4.52
N ILE A 17 17.32 0.86 -3.91
CA ILE A 17 17.15 1.03 -2.46
C ILE A 17 16.62 2.43 -2.23
N ASN A 18 15.86 2.62 -1.15
CA ASN A 18 15.24 3.91 -0.88
C ASN A 18 16.23 5.04 -0.60
N GLY A 19 15.76 6.25 -0.94
CA GLY A 19 16.53 7.47 -0.78
C GLY A 19 16.98 7.79 0.63
N ASP A 20 16.30 7.25 1.65
CA ASP A 20 16.69 7.52 3.05
C ASP A 20 17.72 6.54 3.63
N LYS A 21 18.19 5.58 2.83
CA LYS A 21 19.09 4.53 3.32
C LYS A 21 20.52 4.79 2.88
N GLY A 22 21.44 3.94 3.34
CA GLY A 22 22.87 4.14 3.09
C GLY A 22 23.31 3.68 1.71
N TYR A 23 22.80 4.31 0.66
CA TYR A 23 23.09 3.87 -0.70
C TYR A 23 24.55 4.08 -1.16
N ASN A 24 25.24 5.08 -0.63
CA ASN A 24 26.67 5.20 -0.89
C ASN A 24 27.49 4.06 -0.24
N GLY A 25 27.09 3.67 0.96
CA GLY A 25 27.71 2.55 1.64
C GLY A 25 27.48 1.26 0.88
N LEU A 26 26.26 1.09 0.37
CA LEU A 26 25.95 -0.08 -0.39
C LEU A 26 26.79 -0.10 -1.68
N ALA A 27 26.98 1.06 -2.30
CA ALA A 27 27.80 1.15 -3.51
C ALA A 27 29.25 0.75 -3.25
N GLN A 28 29.76 1.02 -2.05
CA GLN A 28 31.11 0.57 -1.69
C GLN A 28 31.22 -0.93 -1.61
N VAL A 29 30.16 -1.58 -1.12
CA VAL A 29 30.10 -3.05 -1.19
C VAL A 29 30.07 -3.48 -2.65
N GLY A 30 29.34 -2.72 -3.47
CA GLY A 30 29.31 -2.95 -4.92
C GLY A 30 30.67 -2.81 -5.61
N LYS A 31 31.50 -1.89 -5.13
CA LYS A 31 32.85 -1.71 -5.68
C LYS A 31 33.79 -2.86 -5.33
N LYS A 32 33.68 -3.35 -4.10
CA LYS A 32 34.42 -4.53 -3.65
C LYS A 32 34.07 -5.75 -4.51
N PHE A 33 32.80 -5.90 -4.85
CA PHE A 33 32.30 -7.01 -5.68
C PHE A 33 32.82 -6.87 -7.11
N GLU A 34 32.92 -5.64 -7.59
CA GLU A 34 33.47 -5.39 -8.91
C GLU A 34 34.97 -5.71 -8.92
N LYS A 35 35.70 -5.25 -7.90
CA LYS A 35 37.11 -5.60 -7.77
C LYS A 35 37.31 -7.10 -7.89
N ASP A 36 36.62 -7.86 -7.03
CA ASP A 36 36.77 -9.31 -6.96
C ASP A 36 36.32 -10.06 -8.21
N THR A 37 35.27 -9.57 -8.88
CA THR A 37 34.65 -10.34 -9.98
C THR A 37 34.62 -9.67 -11.34
N GLY A 38 34.90 -8.38 -11.42
CA GLY A 38 34.74 -7.65 -12.66
C GLY A 38 33.29 -7.28 -12.99
N ILE A 39 32.34 -7.69 -12.15
CA ILE A 39 30.93 -7.37 -12.40
C ILE A 39 30.56 -6.01 -11.81
N LYS A 40 30.14 -5.09 -12.67
CA LYS A 40 29.81 -3.73 -12.24
C LYS A 40 28.48 -3.72 -11.48
N VAL A 41 28.42 -2.92 -10.41
CA VAL A 41 27.21 -2.80 -9.60
C VAL A 41 26.73 -1.35 -9.59
N THR A 42 25.51 -1.12 -10.04
CA THR A 42 24.93 0.22 -10.05
C THR A 42 23.78 0.35 -9.04
N VAL A 43 23.90 1.30 -8.12
CA VAL A 43 22.90 1.51 -7.07
C VAL A 43 22.09 2.75 -7.39
N GLU A 44 20.78 2.56 -7.47
CA GLU A 44 19.87 3.67 -7.74
C GLU A 44 18.86 3.81 -6.63
N HIS A 45 18.35 5.03 -6.44
CA HIS A 45 17.33 5.30 -5.43
C HIS A 45 16.16 6.10 -5.98
N PRO A 46 15.38 5.51 -6.88
CA PRO A 46 14.28 6.25 -7.49
C PRO A 46 13.21 6.64 -6.49
N TYR A 47 12.58 7.78 -6.75
CA TYR A 47 11.44 8.25 -5.99
C TYR A 47 10.31 7.26 -6.15
N LYS A 48 9.63 6.95 -5.05
CA LYS A 48 8.54 5.98 -5.04
C LYS A 48 8.93 4.70 -5.78
N LEU A 49 10.12 4.19 -5.49
CA LEU A 49 10.61 3.00 -6.17
C LEU A 49 9.73 1.78 -5.88
N GLU A 50 9.13 1.75 -4.70
CA GLU A 50 8.25 0.66 -4.29
C GLU A 50 6.96 0.58 -5.12
N GLU A 51 6.58 1.68 -5.75
CA GLU A 51 5.45 1.69 -6.67
C GLU A 51 5.90 1.43 -8.10
N LYS A 52 7.08 1.94 -8.45
CA LYS A 52 7.63 1.73 -9.80
C LYS A 52 8.05 0.31 -10.10
N PHE A 53 8.39 -0.46 -9.08
CA PHE A 53 9.01 -1.75 -9.31
C PHE A 53 8.11 -2.67 -10.14
N PRO A 54 6.81 -2.80 -9.77
CA PRO A 54 5.91 -3.60 -10.62
C PRO A 54 5.80 -3.08 -12.04
N GLN A 55 5.70 -1.76 -12.22
CA GLN A 55 5.71 -1.16 -13.56
C GLN A 55 6.78 -1.81 -14.41
N VAL A 56 8.03 -1.75 -13.92
CA VAL A 56 9.20 -2.11 -14.72
C VAL A 56 9.58 -3.60 -14.66
N ALA A 57 9.12 -4.34 -13.66
CA ALA A 57 9.53 -5.74 -13.49
C ALA A 57 8.79 -6.67 -14.44
N GLY A 60 10.44 -6.70 -18.06
CA GLY A 60 10.22 -5.42 -18.74
C GLY A 60 11.38 -4.45 -18.45
N ASP A 61 12.46 -4.97 -17.88
CA ASP A 61 13.49 -4.12 -17.30
C ASP A 61 13.40 -4.20 -15.79
N GLY A 62 13.83 -3.14 -15.10
CA GLY A 62 13.82 -3.11 -13.63
C GLY A 62 15.10 -3.65 -13.03
N PRO A 63 15.35 -3.35 -11.74
CA PRO A 63 16.61 -3.73 -11.10
C PRO A 63 16.73 -5.23 -10.91
N ASP A 64 17.95 -5.73 -10.77
CA ASP A 64 18.15 -7.14 -10.47
C ASP A 64 17.79 -7.40 -9.03
N ILE A 65 18.04 -6.40 -8.18
CA ILE A 65 17.81 -6.52 -6.76
C ILE A 65 17.05 -5.31 -6.29
N ILE A 66 16.03 -5.53 -5.47
CA ILE A 66 15.26 -4.42 -4.90
C ILE A 66 15.20 -4.50 -3.36
N PHE A 67 15.57 -3.39 -2.73
CA PHE A 67 15.52 -3.24 -1.29
C PHE A 67 14.24 -2.49 -0.89
N TRP A 68 13.48 -3.07 0.04
CA TRP A 68 12.37 -2.38 0.70
C TRP A 68 12.06 -3.09 2.02
N ALA A 69 11.29 -2.44 2.88
CA ALA A 69 10.71 -3.14 4.01
C ALA A 69 9.98 -4.39 3.49
N HIS A 70 9.98 -5.44 4.30
CA HIS A 70 9.39 -6.71 3.90
C HIS A 70 7.90 -6.63 3.53
N ASP A 71 7.18 -5.59 3.96
CA ASP A 71 5.73 -5.59 3.82
C ASP A 71 5.26 -5.62 2.39
N ARG A 72 6.02 -5.00 1.50
CA ARG A 72 5.70 -4.94 0.08
C ARG A 72 5.91 -6.25 -0.70
N PHE A 73 6.72 -7.17 -0.19
CA PHE A 73 7.20 -8.29 -1.01
C PHE A 73 6.16 -9.37 -1.34
N GLY A 74 5.16 -9.57 -0.47
CA GLY A 74 4.14 -10.58 -0.77
C GLY A 74 3.34 -10.16 -1.99
N GLY A 75 3.04 -8.86 -2.08
CA GLY A 75 2.39 -8.31 -3.27
C GLY A 75 3.23 -8.52 -4.52
N TYR A 76 4.53 -8.26 -4.42
CA TYR A 76 5.47 -8.52 -5.51
C TYR A 76 5.50 -10.00 -5.89
N ALA A 77 5.55 -10.88 -4.89
CA ALA A 77 5.59 -12.32 -5.12
C ALA A 77 4.30 -12.87 -5.72
N CYS A 78 3.15 -12.44 -5.19
CA CYS A 78 1.85 -12.83 -5.73
C CYS A 78 1.76 -12.49 -7.22
N SER A 79 2.34 -11.35 -7.58
CA SER A 79 2.43 -10.91 -8.97
C SER A 79 3.53 -11.61 -9.79
N GLY A 80 4.20 -12.59 -9.21
CA GLY A 80 5.24 -13.34 -9.92
C GLY A 80 6.48 -12.55 -10.27
N LEU A 81 6.73 -11.45 -9.56
CA LEU A 81 7.85 -10.56 -9.87
C LEU A 81 9.18 -10.91 -9.20
N LEU A 82 9.16 -11.89 -8.29
CA LEU A 82 10.32 -12.22 -7.47
C LEU A 82 10.74 -13.69 -7.61
N ALA A 83 12.06 -13.91 -7.69
CA ALA A 83 12.62 -15.24 -7.62
C ALA A 83 12.56 -15.79 -6.19
N GLU A 84 12.34 -17.09 -6.07
CA GLU A 84 12.48 -17.77 -4.78
C GLU A 84 13.97 -17.87 -4.51
N ILE A 85 14.37 -17.53 -3.29
CA ILE A 85 15.78 -17.56 -2.95
C ILE A 85 16.14 -18.89 -2.31
N THR A 86 17.39 -19.28 -2.51
CA THR A 86 17.84 -20.64 -2.26
C THR A 86 19.03 -20.71 -1.29
N PRO A 87 18.93 -20.03 -0.13
CA PRO A 87 20.04 -20.06 0.81
C PRO A 87 20.15 -21.44 1.42
N ASP A 88 21.37 -21.96 1.56
CA ASP A 88 21.51 -23.27 2.19
C ASP A 88 21.39 -23.11 3.71
N LYS A 89 21.36 -24.25 4.41
CA LYS A 89 21.24 -24.26 5.86
C LYS A 89 22.29 -23.39 6.54
N ALA A 90 23.55 -23.64 6.22
CA ALA A 90 24.65 -22.89 6.82
C ALA A 90 24.37 -21.39 6.80
N PHE A 91 23.93 -20.89 5.65
CA PHE A 91 23.63 -19.47 5.52
C PHE A 91 22.40 -19.05 6.33
N GLN A 92 21.35 -19.86 6.30
CA GLN A 92 20.13 -19.58 7.06
C GLN A 92 20.37 -19.48 8.55
N ASP A 93 21.31 -20.28 9.05
CA ASP A 93 21.73 -20.24 10.45
C ASP A 93 22.47 -18.97 10.84
N LYS A 94 23.04 -18.24 9.88
CA LYS A 94 23.75 -17.00 10.20
C LYS A 94 22.81 -15.82 10.54
N LEU A 95 21.51 -15.96 10.25
CA LEU A 95 20.54 -14.89 10.52
C LEU A 95 19.46 -15.36 11.50
N TYR A 96 18.93 -14.40 12.26
CA TYR A 96 17.93 -14.69 13.27
C TYR A 96 16.70 -15.33 12.62
N PRO A 97 16.17 -16.37 13.24
CA PRO A 97 15.03 -17.06 12.66
C PRO A 97 13.86 -16.15 12.34
N PHE A 98 13.57 -15.19 13.21
CA PHE A 98 12.39 -14.34 13.04
C PHE A 98 12.53 -13.40 11.84
N THR A 99 13.76 -13.10 11.42
CA THR A 99 13.98 -12.31 10.20
C THR A 99 13.57 -13.10 8.95
N TRP A 100 13.83 -14.41 8.95
CA TRP A 100 13.39 -15.29 7.86
C TRP A 100 11.86 -15.36 7.79
N ASP A 101 11.21 -15.34 8.95
CA ASP A 101 9.75 -15.35 8.96
C ASP A 101 9.17 -14.15 8.21
N ALA A 102 9.81 -12.99 8.32
CA ALA A 102 9.30 -11.77 7.68
C ALA A 102 9.32 -11.87 6.16
N VAL A 103 10.24 -12.65 5.61
CA VAL A 103 10.42 -12.77 4.16
C VAL A 103 9.89 -14.09 3.57
N ARG A 104 9.03 -14.80 4.30
CA ARG A 104 8.42 -16.01 3.77
C ARG A 104 6.99 -15.74 3.36
N TYR A 105 6.62 -16.25 2.18
CA TYR A 105 5.31 -16.05 1.62
C TYR A 105 4.87 -17.31 0.89
N ASN A 106 3.67 -17.78 1.21
CA ASN A 106 3.13 -19.06 0.72
C ASN A 106 4.17 -20.18 0.77
N GLY A 107 4.79 -20.31 1.93
CA GLY A 107 5.74 -21.38 2.17
C GLY A 107 7.15 -21.14 1.65
N LYS A 108 7.36 -20.10 0.85
CA LYS A 108 8.65 -19.88 0.19
C LYS A 108 9.38 -18.62 0.66
N LEU A 109 10.70 -18.67 0.72
CA LEU A 109 11.52 -17.50 1.00
C LEU A 109 11.59 -16.65 -0.25
N ILE A 110 11.23 -15.37 -0.14
CA ILE A 110 11.19 -14.46 -1.29
C ILE A 110 12.10 -13.24 -1.20
N ALA A 111 12.92 -13.16 -0.15
CA ALA A 111 13.91 -12.11 -0.05
C ALA A 111 14.90 -12.42 1.04
N TYR A 112 16.03 -11.72 1.01
CA TYR A 112 17.02 -11.82 2.08
C TYR A 112 16.74 -10.72 3.10
N PRO A 113 16.47 -11.09 4.37
CA PRO A 113 16.29 -10.02 5.35
C PRO A 113 17.61 -9.37 5.68
N ILE A 114 17.57 -8.07 5.94
CA ILE A 114 18.76 -7.28 6.17
C ILE A 114 18.82 -6.71 7.57
N ALA A 115 17.77 -6.00 7.95
CA ALA A 115 17.75 -5.30 9.24
C ALA A 115 16.34 -4.99 9.73
N VAL A 116 16.19 -5.00 11.06
CA VAL A 116 14.94 -4.67 11.72
C VAL A 116 14.88 -3.18 12.00
N GLU A 117 13.80 -2.54 11.52
CA GLU A 117 13.56 -1.11 11.64
C GLU A 117 12.37 -0.82 12.53
N ALA A 118 12.54 0.00 13.55
CA ALA A 118 11.41 0.50 14.29
C ALA A 118 11.64 1.96 14.55
N LEU A 119 10.56 2.72 14.63
CA LEU A 119 10.64 4.15 14.92
C LEU A 119 10.92 4.36 16.40
N SER A 120 11.73 5.37 16.71
CA SER A 120 11.88 5.83 18.09
C SER A 120 11.57 7.32 18.22
N LEU A 121 11.47 7.79 19.47
CA LEU A 121 11.44 9.21 19.77
C LEU A 121 12.88 9.69 19.88
N ILE A 122 13.21 10.72 19.10
CA ILE A 122 14.54 11.29 19.09
C ILE A 122 14.39 12.68 19.68
N TYR A 123 15.22 13.03 20.66
CA TYR A 123 15.04 14.30 21.33
C TYR A 123 16.36 15.02 21.57
N ASN A 124 16.26 16.35 21.61
CA ASN A 124 17.40 17.23 21.82
C ASN A 124 17.61 17.45 23.32
N LYS A 125 18.68 16.87 23.87
CA LYS A 125 18.92 16.92 25.32
C LYS A 125 19.20 18.32 25.87
N ASP A 126 19.58 19.24 25.00
CA ASP A 126 19.83 20.61 25.42
C ASP A 126 18.54 21.41 25.47
N LEU A 127 17.59 21.15 24.58
CA LEU A 127 16.26 21.79 24.68
C LEU A 127 15.38 21.07 25.70
N LEU A 128 15.61 19.78 25.88
CA LEU A 128 14.68 18.94 26.61
C LEU A 128 15.44 17.80 27.28
N PRO A 129 15.95 18.02 28.50
CA PRO A 129 16.74 17.02 29.20
C PRO A 129 15.98 15.74 29.51
N ASN A 130 14.68 15.87 29.77
CA ASN A 130 13.82 14.70 30.02
C ASN A 130 12.70 14.62 28.99
N PRO A 131 12.76 13.65 28.09
CA PRO A 131 11.68 13.55 27.13
C PRO A 131 10.34 13.17 27.83
N PRO A 132 9.21 13.57 27.24
CA PRO A 132 7.94 13.31 27.89
C PRO A 132 7.60 11.82 27.92
N LYS A 133 7.02 11.39 29.03
CA LYS A 133 6.54 10.03 29.18
C LYS A 133 5.28 9.80 28.36
N THR A 134 4.52 10.87 28.10
CA THR A 134 3.19 10.76 27.50
C THR A 134 2.98 11.74 26.36
N TRP A 135 2.24 11.27 25.36
CA TRP A 135 1.75 12.11 24.28
C TRP A 135 0.96 13.30 24.84
N GLU A 136 0.23 13.07 25.93
CA GLU A 136 -0.62 14.09 26.53
C GLU A 136 0.12 15.31 27.08
N GLU A 137 1.40 15.17 27.38
CA GLU A 137 2.21 16.31 27.85
C GLU A 137 2.66 17.26 26.74
N ILE A 138 2.60 16.80 25.50
CA ILE A 138 3.23 17.53 24.39
C ILE A 138 2.64 18.92 24.14
N PRO A 139 1.30 19.08 24.27
CA PRO A 139 0.74 20.43 24.14
C PRO A 139 1.39 21.44 25.09
N ALA A 140 1.41 21.17 26.38
CA ALA A 140 2.04 22.06 27.35
C ALA A 140 3.49 22.30 26.97
N LEU A 141 4.23 21.21 26.79
CA LEU A 141 5.62 21.29 26.41
C LEU A 141 5.83 22.22 25.19
N ASP A 142 4.98 22.11 24.18
CA ASP A 142 5.09 22.99 23.03
C ASP A 142 4.92 24.46 23.47
N GLY A 143 3.96 24.70 24.33
CA GLY A 143 3.77 26.03 24.96
C GLY A 143 5.06 26.59 25.48
N GLU A 144 5.71 25.87 26.40
CA GLU A 144 7.01 26.28 26.92
C GLU A 144 8.02 26.57 25.82
N LEU A 145 8.12 25.67 24.84
CA LEU A 145 9.15 25.80 23.80
C LEU A 145 8.87 26.92 22.82
N LYS A 146 7.59 27.21 22.56
CA LYS A 146 7.23 28.31 21.68
C LYS A 146 7.71 29.65 22.25
N ALA A 147 7.68 29.77 23.57
CA ALA A 147 8.17 30.94 24.28
C ALA A 147 9.61 31.34 23.90
N LYS A 148 10.43 30.36 23.53
CA LYS A 148 11.81 30.63 23.10
C LYS A 148 12.06 30.38 21.61
N GLY A 149 11.02 30.55 20.81
CA GLY A 149 11.12 30.41 19.36
C GLY A 149 11.30 28.99 18.85
N LYS A 150 10.96 28.00 19.68
CA LYS A 150 11.10 26.58 19.31
C LYS A 150 9.76 25.88 19.27
N SER A 151 9.76 24.61 18.86
CA SER A 151 8.59 23.74 18.97
C SER A 151 8.95 22.44 19.69
N ALA A 152 7.94 21.76 20.21
CA ALA A 152 8.14 20.48 20.89
C ALA A 152 8.45 19.34 19.93
N LEU A 153 7.66 19.22 18.88
CA LEU A 153 7.64 17.99 18.09
C LEU A 153 7.33 18.24 16.64
N MET A 154 8.19 17.72 15.77
CA MET A 154 7.93 17.70 14.35
C MET A 154 8.30 16.34 13.76
N PHE A 155 7.39 15.77 12.98
CA PHE A 155 7.70 14.53 12.26
C PHE A 155 6.87 14.40 11.01
N ASN A 156 7.24 13.46 10.15
CA ASN A 156 6.60 13.35 8.85
C ASN A 156 5.14 12.93 8.95
N LEU A 157 4.21 13.86 8.65
CA LEU A 157 2.78 13.58 8.66
C LEU A 157 2.25 13.08 7.33
N GLN A 158 3.08 13.06 6.30
CA GLN A 158 2.60 12.67 4.95
C GLN A 158 2.62 11.15 4.73
N GLU A 159 3.40 10.43 5.53
CA GLU A 159 3.45 8.97 5.43
C GLU A 159 2.92 8.35 6.72
N PRO A 160 1.91 7.48 6.62
CA PRO A 160 1.22 6.98 7.80
C PRO A 160 2.08 6.11 8.69
N TYR A 161 3.18 5.61 8.15
CA TYR A 161 4.20 4.91 8.92
C TYR A 161 4.53 5.63 10.21
N PHE A 162 4.65 6.95 10.10
CA PHE A 162 5.12 7.77 11.21
C PHE A 162 4.02 8.07 12.23
N THR A 163 2.77 8.11 11.78
CA THR A 163 1.64 8.39 12.69
C THR A 163 0.97 7.12 13.19
N TRP A 164 1.24 5.97 12.54
CA TRP A 164 0.68 4.70 12.98
C TRP A 164 0.96 4.35 14.44
N PRO A 165 2.17 4.63 14.94
CA PRO A 165 2.42 4.26 16.35
C PRO A 165 1.41 4.89 17.33
N LEU A 166 1.07 6.14 17.08
CA LEU A 166 0.06 6.84 17.89
C LEU A 166 -1.35 6.28 17.63
N ILE A 167 -1.68 5.99 16.37
CA ILE A 167 -3.00 5.45 15.99
C ILE A 167 -3.28 4.10 16.61
N ALA A 168 -2.26 3.25 16.62
CA ALA A 168 -2.37 1.89 17.15
C ALA A 168 -2.25 1.83 18.67
N ALA A 169 -1.81 2.93 19.31
CA ALA A 169 -1.49 2.88 20.72
C ALA A 169 -2.64 2.33 21.56
N ASP A 170 -3.83 2.88 21.38
CA ASP A 170 -4.98 2.52 22.18
C ASP A 170 -5.86 1.45 21.52
N GLY A 171 -5.46 0.93 20.35
CA GLY A 171 -6.15 -0.27 19.80
C GLY A 171 -6.24 -0.45 18.29
N GLY A 172 -5.77 0.52 17.50
CA GLY A 172 -5.75 0.32 16.05
C GLY A 172 -4.92 -0.89 15.61
N TYR A 173 -5.28 -1.49 14.48
CA TYR A 173 -4.47 -2.52 13.86
C TYR A 173 -4.79 -2.57 12.37
N ALA A 174 -3.99 -3.29 11.60
CA ALA A 174 -4.18 -3.36 10.17
C ALA A 174 -5.11 -4.53 9.86
N PHE A 175 -4.58 -5.75 9.86
CA PHE A 175 -5.39 -6.95 9.66
C PHE A 175 -5.13 -7.87 10.84
N LYS A 176 -6.18 -8.42 11.43
CA LYS A 176 -6.03 -9.29 12.60
C LYS A 176 -5.34 -10.58 12.21
N TYR A 177 -4.27 -10.91 12.92
CA TYR A 177 -3.54 -12.17 12.72
C TYR A 177 -4.00 -13.18 13.78
N GLU A 178 -4.64 -14.25 13.33
CA GLU A 178 -5.31 -15.19 14.21
C GLU A 178 -5.14 -16.61 13.67
N ASN A 179 -4.87 -17.56 14.57
CA ASN A 179 -4.67 -18.95 14.19
C ASN A 179 -3.81 -19.10 12.95
N GLY A 180 -2.65 -18.45 12.98
CA GLY A 180 -1.64 -18.61 11.94
C GLY A 180 -1.89 -17.93 10.61
N LYS A 181 -2.89 -17.05 10.53
CA LYS A 181 -3.11 -16.32 9.29
C LYS A 181 -3.79 -14.99 9.52
N TYR A 182 -3.64 -14.08 8.56
CA TYR A 182 -4.31 -12.79 8.61
C TYR A 182 -5.70 -12.92 8.04
N ASP A 183 -6.67 -12.24 8.64
CA ASP A 183 -8.05 -12.21 8.14
C ASP A 183 -8.24 -10.86 7.46
N ILE A 184 -8.18 -10.88 6.14
CA ILE A 184 -8.32 -9.71 5.29
C ILE A 184 -9.63 -8.93 5.52
N LYS A 185 -10.65 -9.59 6.07
CA LYS A 185 -11.93 -8.91 6.39
C LYS A 185 -11.94 -8.23 7.75
N ASP A 186 -10.96 -8.56 8.59
CA ASP A 186 -10.88 -7.97 9.93
C ASP A 186 -9.82 -6.88 9.95
N VAL A 187 -10.26 -5.66 9.64
CA VAL A 187 -9.43 -4.48 9.57
C VAL A 187 -9.68 -3.62 10.79
N GLY A 188 -8.61 -3.10 11.40
CA GLY A 188 -8.73 -2.38 12.65
C GLY A 188 -8.55 -0.88 12.53
N VAL A 189 -8.95 -0.31 11.40
CA VAL A 189 -8.66 1.09 11.11
C VAL A 189 -9.67 2.07 11.71
N ASP A 190 -10.94 1.68 11.85
CA ASP A 190 -11.92 2.63 12.40
C ASP A 190 -12.52 2.18 13.73
N ASN A 191 -11.74 1.46 14.52
CA ASN A 191 -12.12 1.15 15.88
C ASN A 191 -11.82 2.30 16.83
N ALA A 192 -12.27 2.15 18.06
CA ALA A 192 -12.18 3.19 19.09
C ALA A 192 -10.76 3.70 19.29
N GLY A 193 -9.81 2.76 19.35
CA GLY A 193 -8.40 3.09 19.60
C GLY A 193 -7.81 3.96 18.51
N ALA A 194 -8.02 3.56 17.26
CA ALA A 194 -7.58 4.32 16.12
C ALA A 194 -8.20 5.72 16.07
N LYS A 195 -9.46 5.85 16.45
CA LYS A 195 -10.13 7.16 16.44
C LYS A 195 -9.54 8.12 17.45
N ALA A 196 -9.31 7.61 18.66
CA ALA A 196 -8.71 8.41 19.72
C ALA A 196 -7.32 8.91 19.32
N GLY A 197 -6.51 8.03 18.75
CA GLY A 197 -5.15 8.39 18.38
C GLY A 197 -5.13 9.45 17.31
N LEU A 198 -5.89 9.22 16.26
CA LEU A 198 -5.94 10.14 15.14
C LEU A 198 -6.60 11.45 15.57
N THR A 199 -7.62 11.37 16.42
CA THR A 199 -8.20 12.59 17.02
C THR A 199 -7.18 13.42 17.77
N PHE A 200 -6.33 12.77 18.56
CA PHE A 200 -5.31 13.48 19.31
C PHE A 200 -4.31 14.15 18.38
N LEU A 201 -4.01 13.47 17.28
CA LEU A 201 -3.12 14.01 16.28
C LEU A 201 -3.74 15.25 15.63
N VAL A 202 -5.00 15.11 15.22
CA VAL A 202 -5.69 16.26 14.64
C VAL A 202 -5.78 17.41 15.68
N ASP A 203 -6.00 17.08 16.94
CA ASP A 203 -6.06 18.12 17.98
C ASP A 203 -4.76 18.88 18.10
N LEU A 204 -3.64 18.16 17.99
CA LEU A 204 -2.36 18.82 18.00
C LEU A 204 -2.25 19.83 16.86
N ILE A 205 -2.78 19.46 15.70
CA ILE A 205 -2.71 20.36 14.55
C ILE A 205 -3.64 21.55 14.71
N LYS A 206 -4.89 21.27 15.07
CA LYS A 206 -5.85 22.33 15.36
C LYS A 206 -5.28 23.36 16.33
N ASN A 207 -4.59 22.87 17.37
CA ASN A 207 -4.00 23.76 18.38
C ASN A 207 -2.61 24.26 18.02
N LYS A 208 -2.24 24.15 16.75
CA LYS A 208 -0.96 24.67 16.21
C LYS A 208 0.30 24.12 16.88
N HIS A 209 0.18 22.97 17.52
CA HIS A 209 1.35 22.29 18.05
C HIS A 209 2.06 21.50 16.94
N MET A 210 1.38 21.31 15.81
CA MET A 210 1.97 20.74 14.59
C MET A 210 1.29 21.32 13.36
N ASN A 211 2.00 21.32 12.24
CA ASN A 211 1.45 21.75 10.97
C ASN A 211 1.17 20.54 10.11
N ALA A 212 0.02 20.54 9.44
CA ALA A 212 -0.43 19.40 8.64
C ALA A 212 0.44 19.13 7.43
N ASP A 213 1.13 20.16 6.94
CA ASP A 213 2.02 20.04 5.78
C ASP A 213 3.44 19.54 6.10
N THR A 214 3.77 19.35 7.37
CA THR A 214 5.10 18.85 7.75
C THR A 214 5.41 17.49 7.09
N ASP A 215 6.53 17.43 6.39
CA ASP A 215 6.92 16.19 5.71
C ASP A 215 8.30 15.75 6.20
N TYR A 216 8.85 14.72 5.57
CA TYR A 216 10.11 14.14 6.05
C TYR A 216 11.21 15.19 6.15
N SER A 217 11.45 15.88 5.04
CA SER A 217 12.58 16.79 4.94
C SER A 217 12.42 18.02 5.83
N ILE A 218 11.20 18.53 5.94
CA ILE A 218 10.91 19.66 6.85
C ILE A 218 11.19 19.30 8.30
N ALA A 219 10.73 18.12 8.71
CA ALA A 219 10.94 17.65 10.08
C ALA A 219 12.42 17.36 10.37
N GLU A 220 13.11 16.76 9.41
CA GLU A 220 14.51 16.43 9.63
C GLU A 220 15.36 17.69 9.72
N ALA A 221 15.08 18.65 8.84
CA ALA A 221 15.83 19.92 8.84
C ALA A 221 15.58 20.64 10.16
N ALA A 222 14.34 20.70 10.58
CA ALA A 222 13.99 21.37 11.84
C ALA A 222 14.71 20.77 13.03
N PHE A 223 14.70 19.44 13.15
CA PHE A 223 15.36 18.84 14.29
C PHE A 223 16.87 19.00 14.21
N ASN A 224 17.43 18.83 13.02
CA ASN A 224 18.87 18.89 12.89
C ASN A 224 19.42 20.30 12.99
N LYS A 225 18.56 21.31 12.82
CA LYS A 225 18.98 22.70 13.01
C LYS A 225 18.64 23.23 14.39
N GLY A 226 18.20 22.34 15.30
CA GLY A 226 17.90 22.74 16.68
C GLY A 226 16.62 23.55 16.90
N GLU A 227 15.69 23.50 15.93
CA GLU A 227 14.44 24.28 16.01
C GLU A 227 13.30 23.55 16.69
N THR A 228 13.34 22.23 16.71
CA THR A 228 12.32 21.44 17.41
C THR A 228 13.01 20.51 18.39
N ALA A 229 12.36 20.27 19.52
CA ALA A 229 12.97 19.48 20.58
C ALA A 229 12.88 17.99 20.31
N MET A 230 11.90 17.57 19.51
CA MET A 230 11.69 16.15 19.29
C MET A 230 11.33 15.85 17.85
N THR A 231 11.72 14.65 17.41
CA THR A 231 11.21 14.07 16.18
C THR A 231 10.99 12.56 16.36
N ILE A 232 10.42 11.95 15.33
CA ILE A 232 10.13 10.53 15.31
C ILE A 232 10.69 9.98 14.01
N ASN A 233 11.67 9.11 14.12
CA ASN A 233 12.33 8.60 12.94
C ASN A 233 13.05 7.30 13.25
N GLY A 234 13.50 6.65 12.19
CA GLY A 234 14.23 5.39 12.31
C GLY A 234 15.74 5.55 12.35
N PRO A 235 16.44 4.43 12.51
CA PRO A 235 17.89 4.48 12.69
C PRO A 235 18.64 5.17 11.55
N TRP A 236 18.09 5.10 10.35
CA TRP A 236 18.71 5.72 9.18
C TRP A 236 19.01 7.21 9.39
N ALA A 237 18.20 7.88 10.21
CA ALA A 237 18.31 9.32 10.45
C ALA A 237 19.47 9.74 11.35
N TRP A 238 20.05 8.80 12.09
CA TRP A 238 21.02 9.16 13.08
C TRP A 238 22.29 9.80 12.49
N SER A 239 22.71 9.41 11.29
CA SER A 239 23.94 9.95 10.67
C SER A 239 23.89 11.45 10.53
N ASN A 240 22.81 11.95 9.93
CA ASN A 240 22.67 13.38 9.72
C ASN A 240 22.64 14.14 11.04
N ILE A 241 22.08 13.53 12.08
CA ILE A 241 22.04 14.18 13.38
C ILE A 241 23.46 14.22 13.94
N ASP A 242 24.23 13.15 13.76
CA ASP A 242 25.65 13.15 14.18
C ASP A 242 26.40 14.34 13.55
N THR A 243 26.25 14.51 12.25
CA THR A 243 26.82 15.63 11.51
C THR A 243 26.39 17.00 12.04
N SER A 244 25.13 17.11 12.43
CA SER A 244 24.59 18.39 12.90
C SER A 244 25.11 18.82 14.27
N LYS A 245 25.69 17.88 15.02
CA LYS A 245 26.22 18.12 16.37
C LYS A 245 25.13 18.41 17.41
N VAL A 246 23.87 18.11 17.09
CA VAL A 246 22.81 18.19 18.09
C VAL A 246 23.12 17.15 19.15
N ASN A 247 23.01 17.51 20.41
CA ASN A 247 23.13 16.53 21.48
C ASN A 247 21.79 15.81 21.62
N TYR A 248 21.71 14.63 21.03
CA TYR A 248 20.43 13.94 20.92
C TYR A 248 20.38 12.63 21.67
N GLY A 249 19.16 12.21 21.98
CA GLY A 249 18.91 10.91 22.56
C GLY A 249 17.85 10.16 21.75
N VAL A 250 17.90 8.85 21.84
CA VAL A 250 16.95 7.99 21.15
C VAL A 250 16.29 7.18 22.24
N THR A 251 14.98 7.29 22.37
CA THR A 251 14.27 6.72 23.51
C THR A 251 12.93 6.07 23.13
N VAL A 252 12.26 5.50 24.13
CA VAL A 252 10.96 4.85 23.92
C VAL A 252 9.92 5.91 23.59
N LEU A 253 9.03 5.61 22.66
CA LEU A 253 7.95 6.54 22.31
C LEU A 253 7.03 6.75 23.52
N PRO A 254 6.46 7.96 23.66
CA PRO A 254 5.54 8.19 24.78
C PRO A 254 4.30 7.31 24.70
N THR A 255 3.63 7.18 25.84
CA THR A 255 2.38 6.48 25.90
C THR A 255 1.25 7.41 25.47
N PHE A 256 0.13 6.81 25.13
CA PHE A 256 -1.08 7.54 24.85
C PHE A 256 -2.21 6.85 25.56
N LYS A 257 -2.92 7.58 26.41
CA LYS A 257 -3.97 7.00 27.26
C LYS A 257 -3.43 5.83 28.05
N GLY A 258 -2.19 5.96 28.50
CA GLY A 258 -1.55 4.93 29.28
C GLY A 258 -0.96 3.77 28.50
N GLN A 259 -1.22 3.71 27.19
CA GLN A 259 -0.78 2.60 26.38
C GLN A 259 0.46 2.96 25.57
N PRO A 260 1.42 2.01 25.49
CA PRO A 260 2.60 2.22 24.67
C PRO A 260 2.24 2.50 23.21
N SER A 261 2.97 3.41 22.57
CA SER A 261 2.86 3.57 21.13
C SER A 261 3.33 2.26 20.50
N LYS A 262 2.73 1.92 19.36
CA LYS A 262 2.90 0.60 18.75
C LYS A 262 3.32 0.73 17.29
N PRO A 263 4.61 0.94 17.04
CA PRO A 263 5.02 1.17 15.65
C PRO A 263 4.91 -0.12 14.81
N PHE A 264 4.63 0.02 13.52
CA PHE A 264 4.74 -1.12 12.60
C PHE A 264 6.20 -1.33 12.34
N VAL A 265 6.69 -2.52 12.67
CA VAL A 265 8.11 -2.87 12.55
C VAL A 265 8.37 -3.45 11.17
N GLY A 266 9.31 -2.85 10.43
CA GLY A 266 9.73 -3.41 9.15
C GLY A 266 11.07 -4.14 9.22
N VAL A 267 11.27 -5.06 8.28
CA VAL A 267 12.55 -5.74 8.11
C VAL A 267 12.98 -5.37 6.71
N LEU A 268 13.99 -4.51 6.62
CA LEU A 268 14.56 -4.16 5.33
C LEU A 268 15.05 -5.44 4.70
N SER A 269 14.64 -5.67 3.46
CA SER A 269 14.80 -6.95 2.79
C SER A 269 15.28 -6.73 1.35
N ALA A 270 15.96 -7.73 0.80
CA ALA A 270 16.50 -7.64 -0.55
C ALA A 270 15.96 -8.77 -1.42
N GLY A 271 15.16 -8.40 -2.42
CA GLY A 271 14.56 -9.37 -3.31
C GLY A 271 15.27 -9.37 -4.65
N ILE A 272 15.16 -10.50 -5.34
CA ILE A 272 15.74 -10.71 -6.66
C ILE A 272 14.63 -10.76 -7.68
N ASN A 273 14.73 -9.90 -8.69
CA ASN A 273 13.78 -9.87 -9.79
C ASN A 273 13.63 -11.22 -10.45
N ALA A 274 12.39 -11.67 -10.67
CA ALA A 274 12.14 -12.94 -11.32
C ALA A 274 12.66 -12.94 -12.78
N ALA A 275 12.65 -11.75 -13.40
CA ALA A 275 13.10 -11.61 -14.79
C ALA A 275 14.59 -11.35 -14.95
N SER A 276 15.34 -11.28 -13.86
CA SER A 276 16.77 -11.00 -13.95
C SER A 276 17.54 -12.17 -14.53
N PRO A 277 18.48 -11.87 -15.46
CA PRO A 277 19.41 -12.89 -15.94
C PRO A 277 20.68 -13.00 -15.07
N ASN A 278 20.72 -12.27 -13.96
CA ASN A 278 21.89 -12.26 -13.09
C ASN A 278 21.56 -12.77 -11.68
N LYS A 279 20.63 -13.72 -11.59
CA LYS A 279 20.13 -14.19 -10.29
C LYS A 279 21.20 -14.85 -9.46
N GLU A 280 22.15 -15.50 -10.13
CA GLU A 280 23.24 -16.20 -9.47
C GLU A 280 24.27 -15.22 -8.94
N LEU A 281 24.49 -14.13 -9.67
CA LEU A 281 25.35 -13.07 -9.21
C LEU A 281 24.68 -12.30 -8.08
N ALA A 282 23.36 -12.12 -8.18
CA ALA A 282 22.61 -11.42 -7.14
C ALA A 282 22.75 -12.17 -5.82
N LYS A 283 22.53 -13.48 -5.88
CA LYS A 283 22.69 -14.36 -4.74
C LYS A 283 24.11 -14.25 -4.14
N GLU A 284 25.12 -14.24 -5.00
CA GLU A 284 26.51 -14.17 -4.56
C GLU A 284 26.74 -12.86 -3.84
N PHE A 285 26.24 -11.78 -4.43
CA PHE A 285 26.47 -10.45 -3.88
C PHE A 285 25.83 -10.33 -2.50
N LEU A 286 24.56 -10.71 -2.42
CA LEU A 286 23.81 -10.58 -1.19
C LEU A 286 24.35 -11.49 -0.09
N GLU A 287 24.57 -12.77 -0.40
CA GLU A 287 24.99 -13.74 0.62
C GLU A 287 26.44 -13.55 1.06
N ASN A 288 27.33 -13.26 0.13
CA ASN A 288 28.76 -13.28 0.44
C ASN A 288 29.43 -11.93 0.48
N TYR A 289 28.75 -10.87 0.04
CA TYR A 289 29.33 -9.54 0.16
C TYR A 289 28.55 -8.64 1.09
N LEU A 290 27.23 -8.53 0.90
CA LEU A 290 26.42 -7.65 1.72
C LEU A 290 26.20 -8.20 3.11
N LEU A 291 25.63 -9.39 3.21
CA LEU A 291 25.32 -10.00 4.50
C LEU A 291 26.57 -10.62 5.15
N THR A 292 27.60 -9.81 5.29
CA THR A 292 28.79 -10.13 6.07
C THR A 292 29.02 -8.99 7.04
N ASP A 293 29.87 -9.20 8.04
CA ASP A 293 30.23 -8.13 8.95
C ASP A 293 30.71 -6.88 8.23
N GLU A 294 31.50 -7.07 7.17
CA GLU A 294 32.16 -5.98 6.46
C GLU A 294 31.18 -5.23 5.57
N GLY A 295 30.31 -5.98 4.91
CA GLY A 295 29.34 -5.40 4.02
C GLY A 295 28.35 -4.56 4.78
N LEU A 296 27.82 -5.11 5.87
CA LEU A 296 26.82 -4.40 6.65
C LEU A 296 27.42 -3.18 7.31
N GLU A 297 28.65 -3.30 7.79
CA GLU A 297 29.36 -2.16 8.37
C GLU A 297 29.50 -1.00 7.40
N ALA A 298 29.79 -1.31 6.15
CA ALA A 298 29.95 -0.27 5.14
C ALA A 298 28.64 0.49 4.93
N VAL A 299 27.52 -0.24 4.88
CA VAL A 299 26.21 0.40 4.71
C VAL A 299 25.86 1.16 5.97
N ASN A 300 26.02 0.48 7.11
CA ASN A 300 25.68 1.01 8.43
C ASN A 300 26.40 2.31 8.73
N LYS A 301 27.69 2.36 8.38
CA LYS A 301 28.51 3.57 8.55
C LYS A 301 27.99 4.75 7.77
N ASP A 302 27.32 4.48 6.65
CA ASP A 302 26.71 5.54 5.85
C ASP A 302 25.43 6.01 6.52
N LYS A 303 24.47 5.10 6.66
CA LYS A 303 23.20 5.37 7.33
C LYS A 303 22.86 4.10 8.13
N PRO A 304 22.70 4.24 9.45
CA PRO A 304 22.49 3.02 10.24
C PRO A 304 21.30 2.18 9.79
N LEU A 305 21.50 0.87 9.81
CA LEU A 305 20.52 -0.06 9.33
C LEU A 305 19.44 -0.39 10.35
N GLY A 306 19.75 -0.26 11.64
CA GLY A 306 18.91 -0.80 12.71
C GLY A 306 19.55 -2.04 13.30
N ALA A 307 18.71 -2.94 13.81
CA ALA A 307 19.18 -4.20 14.39
C ALA A 307 19.27 -5.21 13.27
N VAL A 308 20.50 -5.56 12.89
CA VAL A 308 20.72 -6.31 11.68
C VAL A 308 20.35 -7.77 11.82
N ALA A 309 20.07 -8.40 10.67
CA ALA A 309 19.66 -9.77 10.64
C ALA A 309 20.85 -10.73 10.88
N LEU A 310 22.05 -10.27 10.63
CA LEU A 310 23.24 -11.09 10.76
C LEU A 310 23.74 -11.09 12.20
N LYS A 311 23.62 -12.23 12.84
CA LYS A 311 23.93 -12.41 14.26
C LYS A 311 25.30 -11.90 14.64
N SER A 312 26.32 -12.27 13.87
CA SER A 312 27.68 -11.93 14.18
C SER A 312 27.85 -10.43 14.31
N TYR A 313 27.29 -9.66 13.38
CA TYR A 313 27.44 -8.20 13.45
C TYR A 313 26.50 -7.56 14.47
N GLU A 314 25.30 -8.11 14.61
CA GLU A 314 24.32 -7.56 15.56
C GLU A 314 24.81 -7.64 17.00
N GLU A 315 25.57 -8.68 17.34
CA GLU A 315 26.14 -8.77 18.68
C GLU A 315 27.00 -7.56 18.99
N GLU A 316 27.61 -6.97 17.96
CA GLU A 316 28.30 -5.69 18.11
C GLU A 316 27.34 -4.51 18.21
N LEU A 317 26.39 -4.41 17.27
CA LEU A 317 25.50 -3.24 17.25
C LEU A 317 24.52 -3.23 18.41
N ALA A 318 24.15 -4.40 18.93
CA ALA A 318 23.22 -4.47 20.07
C ALA A 318 23.75 -3.75 21.30
N LYS A 319 25.07 -3.59 21.37
CA LYS A 319 25.71 -2.79 22.43
C LYS A 319 25.31 -1.31 22.47
N ASP A 320 24.92 -0.77 21.33
CA ASP A 320 24.58 0.64 21.21
C ASP A 320 23.25 0.91 21.92
N PRO A 321 23.22 1.86 22.88
CA PRO A 321 21.96 2.20 23.55
C PRO A 321 20.82 2.57 22.59
N ARG A 322 21.17 3.14 21.44
CA ARG A 322 20.19 3.59 20.48
C ARG A 322 19.55 2.38 19.82
N ILE A 323 20.31 1.30 19.70
CA ILE A 323 19.76 0.07 19.15
C ILE A 323 18.87 -0.57 20.21
N ALA A 324 19.28 -0.54 21.47
CA ALA A 324 18.44 -1.02 22.57
C ALA A 324 17.08 -0.30 22.57
N ALA A 325 17.07 0.99 22.24
CA ALA A 325 15.83 1.78 22.16
C ALA A 325 14.96 1.37 20.99
N THR A 326 15.61 1.18 19.83
CA THR A 326 14.94 0.76 18.63
C THR A 326 14.20 -0.54 18.90
N MET A 327 14.88 -1.51 19.50
CA MET A 327 14.25 -2.81 19.78
C MET A 327 13.18 -2.75 20.86
N GLU A 328 13.32 -1.81 21.78
CA GLU A 328 12.31 -1.65 22.81
C GLU A 328 11.01 -1.15 22.19
N ASN A 329 11.12 -0.19 21.27
CA ASN A 329 9.97 0.29 20.54
C ASN A 329 9.37 -0.80 19.65
N ALA A 330 10.23 -1.59 19.02
CA ALA A 330 9.79 -2.75 18.25
C ALA A 330 8.93 -3.73 19.07
N GLN A 331 9.37 -4.02 20.28
CA GLN A 331 8.68 -4.99 21.12
C GLN A 331 7.26 -4.61 21.45
N LYS A 332 6.98 -3.31 21.49
CA LYS A 332 5.64 -2.81 21.77
C LYS A 332 4.81 -2.72 20.50
N GLY A 333 5.47 -2.71 19.35
CA GLY A 333 4.80 -2.67 18.07
C GLY A 333 4.52 -4.05 17.53
N GLU A 334 4.47 -4.17 16.21
CA GLU A 334 4.23 -5.45 15.57
C GLU A 334 4.83 -5.48 14.17
N ILE A 335 5.38 -6.65 13.82
CA ILE A 335 5.84 -6.95 12.47
C ILE A 335 4.69 -6.64 11.49
N MET A 336 5.01 -5.92 10.43
CA MET A 336 4.04 -5.68 9.38
C MET A 336 3.65 -6.99 8.74
N PRO A 337 2.38 -7.12 8.37
CA PRO A 337 2.02 -8.19 7.44
C PRO A 337 2.74 -7.96 6.11
N ASN A 338 3.01 -9.05 5.38
CA ASN A 338 3.54 -8.93 4.02
C ASN A 338 2.52 -9.29 2.93
N ILE A 339 1.26 -9.48 3.30
CA ILE A 339 0.24 -9.91 2.35
C ILE A 339 0.02 -8.85 1.26
N PRO A 340 -0.45 -9.28 0.08
CA PRO A 340 -0.61 -8.32 -1.01
C PRO A 340 -1.52 -7.15 -0.68
N GLN A 341 -2.45 -7.35 0.25
CA GLN A 341 -3.40 -6.31 0.61
C GLN A 341 -2.76 -5.12 1.35
N MET A 342 -1.53 -5.26 1.83
CA MET A 342 -0.85 -4.18 2.55
C MET A 342 -0.75 -2.87 1.80
N SER A 343 -0.56 -2.96 0.50
CA SER A 343 -0.45 -1.78 -0.35
C SER A 343 -1.73 -0.94 -0.22
N ALA A 344 -2.87 -1.64 -0.23
CA ALA A 344 -4.17 -0.98 -0.19
C ALA A 344 -4.42 -0.39 1.20
N PHE A 345 -3.97 -1.09 2.23
CA PHE A 345 -4.05 -0.60 3.60
C PHE A 345 -3.34 0.74 3.79
N TRP A 346 -2.07 0.76 3.40
CA TRP A 346 -1.23 1.93 3.54
C TRP A 346 -1.77 3.12 2.76
N TYR A 347 -2.24 2.86 1.55
CA TYR A 347 -2.85 3.90 0.75
C TYR A 347 -4.13 4.44 1.41
N ALA A 348 -4.96 3.55 1.93
CA ALA A 348 -6.16 3.95 2.66
C ALA A 348 -5.83 4.82 3.87
N VAL A 349 -4.83 4.39 4.64
CA VAL A 349 -4.48 5.10 5.87
C VAL A 349 -3.75 6.41 5.57
N ARG A 350 -2.95 6.44 4.51
CA ARG A 350 -2.31 7.71 4.06
C ARG A 350 -3.41 8.76 3.78
N THR A 351 -4.40 8.37 2.98
CA THR A 351 -5.52 9.26 2.65
C THR A 351 -6.26 9.73 3.89
N ALA A 352 -6.52 8.83 4.83
CA ALA A 352 -7.27 9.17 6.03
C ALA A 352 -6.54 10.19 6.90
N VAL A 353 -5.24 9.99 7.10
CA VAL A 353 -4.49 10.89 7.96
C VAL A 353 -4.43 12.28 7.32
N ILE A 354 -4.09 12.30 6.04
CA ILE A 354 -3.98 13.53 5.29
C ILE A 354 -5.30 14.31 5.31
N ASN A 355 -6.40 13.61 5.10
CA ASN A 355 -7.71 14.28 5.07
C ASN A 355 -8.15 14.79 6.44
N ALA A 356 -7.90 14.00 7.49
CA ALA A 356 -8.28 14.41 8.83
C ALA A 356 -7.42 15.59 9.26
N ALA A 357 -6.14 15.54 8.93
CA ALA A 357 -5.20 16.59 9.31
C ALA A 357 -5.42 17.92 8.57
N SER A 358 -5.78 17.84 7.30
CA SER A 358 -5.98 19.03 6.49
C SER A 358 -7.35 19.61 6.77
N GLY A 359 -8.24 18.81 7.38
CA GLY A 359 -9.60 19.23 7.65
C GLY A 359 -10.57 18.81 6.56
N ARG A 360 -10.07 18.26 5.45
CA ARG A 360 -10.94 17.81 4.38
C ARG A 360 -12.06 16.90 4.91
N GLN A 361 -11.75 16.06 5.90
CA GLN A 361 -12.76 15.21 6.53
C GLN A 361 -12.60 15.21 8.04
N THR A 362 -13.67 14.81 8.72
CA THR A 362 -13.58 14.53 10.15
C THR A 362 -12.85 13.20 10.32
N VAL A 363 -12.44 12.91 11.54
CA VAL A 363 -11.75 11.68 11.85
C VAL A 363 -12.67 10.49 11.52
N ASP A 364 -13.92 10.55 11.95
CA ASP A 364 -14.86 9.45 11.69
C ASP A 364 -15.03 9.17 10.21
N GLU A 365 -15.12 10.23 9.41
CA GLU A 365 -15.30 10.08 7.98
C GLU A 365 -14.05 9.45 7.40
N ALA A 366 -12.91 10.05 7.72
CA ALA A 366 -11.65 9.58 7.16
C ALA A 366 -11.44 8.10 7.44
N LEU A 367 -11.66 7.70 8.68
CA LEU A 367 -11.37 6.33 9.12
C LEU A 367 -12.43 5.35 8.66
N LYS A 368 -13.67 5.82 8.48
CA LYS A 368 -14.72 5.00 7.88
C LYS A 368 -14.37 4.63 6.44
N ASP A 369 -13.99 5.62 5.64
CA ASP A 369 -13.52 5.36 4.29
C ASP A 369 -12.26 4.46 4.26
N ALA A 370 -11.33 4.70 5.19
CA ALA A 370 -10.09 3.93 5.23
C ALA A 370 -10.36 2.48 5.57
N GLN A 371 -11.29 2.25 6.49
CA GLN A 371 -11.68 0.92 6.87
C GLN A 371 -12.15 0.15 5.63
N THR A 372 -12.96 0.83 4.81
CA THR A 372 -13.51 0.23 3.59
C THR A 372 -12.44 -0.04 2.55
N ASN A 373 -11.64 0.98 2.27
CA ASN A 373 -10.62 0.90 1.24
C ASN A 373 -9.47 -0.06 1.60
N ALA A 374 -9.16 -0.23 2.88
CA ALA A 374 -8.05 -1.10 3.28
C ALA A 374 -8.35 -2.56 3.02
N GLY A 375 -9.63 -2.93 3.16
CA GLY A 375 -10.07 -4.30 2.89
C GLY A 375 -10.60 -4.57 1.49
N ALA A 376 -10.86 -3.54 0.70
CA ALA A 376 -11.39 -3.76 -0.64
C ALA A 376 -10.33 -4.44 -1.52
N ILE A 377 -10.60 -5.66 -1.95
CA ILE A 377 -9.69 -6.42 -2.81
C ILE A 377 -9.75 -5.91 -4.27
N VAL A 378 -8.57 -5.63 -4.84
CA VAL A 378 -8.47 -5.12 -6.22
C VAL A 378 -7.65 -6.09 -7.06
N THR A 379 -8.21 -6.52 -8.19
CA THR A 379 -7.57 -7.49 -9.07
C THR A 379 -7.41 -6.93 -10.48
N PRO A 380 -6.22 -7.07 -11.08
CA PRO A 380 -6.07 -6.61 -12.46
C PRO A 380 -6.79 -7.52 -13.46
N TYR A 381 -7.37 -6.93 -14.50
CA TYR A 381 -7.98 -7.68 -15.59
C TYR A 381 -7.57 -7.07 -16.92
N THR A 382 -7.59 -7.88 -17.97
CA THR A 382 -7.39 -7.39 -19.32
C THR A 382 -8.69 -7.57 -20.10
N ILE A 383 -9.12 -6.50 -20.78
CA ILE A 383 -10.36 -6.52 -21.56
C ILE A 383 -10.11 -7.18 -22.90
N LYS A 384 -11.00 -8.08 -23.30
CA LYS A 384 -10.95 -8.75 -24.61
C LYS A 384 -12.20 -8.43 -25.41
N GLY A 385 -12.03 -7.98 -26.65
CA GLY A 385 -13.15 -7.74 -27.56
C GLY A 385 -13.56 -6.28 -27.59
N GLU A 386 -14.49 -5.99 -28.48
CA GLU A 386 -14.86 -4.63 -28.80
C GLU A 386 -16.26 -4.24 -28.36
N SER A 387 -16.93 -5.11 -27.59
CA SER A 387 -18.35 -4.92 -27.26
C SER A 387 -18.61 -3.92 -26.14
N MET A 388 -17.56 -3.41 -25.50
CA MET A 388 -17.66 -2.26 -24.58
C MET A 388 -17.02 -0.98 -25.17
N ASP A 389 -16.55 -1.07 -26.41
CA ASP A 389 -15.96 0.08 -27.09
C ASP A 389 -16.98 1.21 -27.25
N PRO A 390 -16.57 2.47 -27.02
CA PRO A 390 -15.23 2.95 -26.68
C PRO A 390 -14.96 3.07 -25.18
N THR A 391 -15.93 2.70 -24.35
CA THR A 391 -15.79 2.83 -22.91
C THR A 391 -14.58 2.03 -22.40
N LEU A 392 -14.45 0.80 -22.89
CA LEU A 392 -13.29 -0.04 -22.65
C LEU A 392 -12.90 -0.58 -24.00
N LYS A 393 -11.59 -0.75 -24.21
CA LYS A 393 -11.06 -1.16 -25.49
C LYS A 393 -10.43 -2.54 -25.41
N ASP A 394 -10.36 -3.19 -26.56
CA ASP A 394 -9.73 -4.49 -26.66
C ASP A 394 -8.27 -4.40 -26.20
N GLY A 395 -7.94 -5.14 -25.16
CA GLY A 395 -6.57 -5.15 -24.63
C GLY A 395 -6.35 -4.21 -23.47
N GLU A 396 -7.40 -3.47 -23.09
CA GLU A 396 -7.25 -2.48 -22.02
C GLU A 396 -7.05 -3.16 -20.67
N ARG A 397 -6.07 -2.68 -19.91
CA ARG A 397 -5.81 -3.18 -18.57
C ARG A 397 -6.68 -2.34 -17.64
N VAL A 398 -7.38 -3.00 -16.73
CA VAL A 398 -8.23 -2.32 -15.77
C VAL A 398 -8.03 -2.90 -14.38
N ALA A 399 -8.46 -2.13 -13.40
CA ALA A 399 -8.48 -2.58 -12.01
C ALA A 399 -9.92 -2.91 -11.68
N VAL A 400 -10.14 -4.05 -11.03
CA VAL A 400 -11.47 -4.53 -10.70
C VAL A 400 -11.66 -4.69 -9.21
N ASN A 401 -12.65 -4.00 -8.67
CA ASN A 401 -12.95 -4.09 -7.25
C ASN A 401 -13.81 -5.29 -6.98
N ILE A 402 -13.24 -6.27 -6.30
CA ILE A 402 -13.94 -7.49 -6.02
C ILE A 402 -15.12 -7.17 -5.11
N VAL A 403 -16.27 -7.79 -5.36
CA VAL A 403 -17.44 -7.63 -4.48
C VAL A 403 -17.57 -8.82 -3.55
N GLY A 404 -17.83 -8.55 -2.26
CA GLY A 404 -18.14 -9.60 -1.29
C GLY A 404 -19.35 -10.39 -1.73
N TYR A 405 -19.42 -11.65 -1.29
CA TYR A 405 -20.40 -12.61 -1.79
C TYR A 405 -21.81 -12.03 -2.00
N LYS A 406 -22.42 -11.49 -0.95
CA LYS A 406 -23.78 -10.95 -1.06
C LYS A 406 -23.84 -9.48 -0.61
N THR A 407 -22.79 -8.72 -0.86
CA THR A 407 -22.74 -7.31 -0.42
C THR A 407 -23.92 -6.48 -0.93
N GLY A 409 -23.11 -3.96 -2.89
CA GLY A 409 -23.94 -2.82 -3.26
C GLY A 409 -23.78 -2.45 -4.73
N LEU A 410 -24.29 -3.32 -5.61
CA LEU A 410 -24.26 -3.08 -7.03
C LEU A 410 -25.31 -2.06 -7.43
N GLU A 411 -24.95 -1.18 -8.37
CA GLU A 411 -25.80 -0.07 -8.73
C GLU A 411 -25.81 0.10 -10.23
N LYS A 412 -26.89 0.70 -10.72
CA LYS A 412 -27.01 1.02 -12.13
C LYS A 412 -25.82 1.86 -12.56
N GLY A 413 -25.24 1.51 -13.71
CA GLY A 413 -24.11 2.24 -14.25
C GLY A 413 -22.78 1.53 -13.99
N ASN A 414 -22.72 0.74 -12.93
CA ASN A 414 -21.54 -0.06 -12.62
C ASN A 414 -21.21 -0.93 -13.80
N VAL A 415 -19.93 -1.04 -14.12
CA VAL A 415 -19.49 -1.96 -15.13
C VAL A 415 -18.93 -3.16 -14.39
N VAL A 416 -19.48 -4.34 -14.66
CA VAL A 416 -19.16 -5.50 -13.86
C VAL A 416 -18.55 -6.64 -14.66
N VAL A 417 -17.53 -7.27 -14.07
CA VAL A 417 -17.04 -8.54 -14.54
C VAL A 417 -17.90 -9.62 -13.90
N PHE A 418 -18.29 -10.62 -14.70
CA PHE A 418 -19.04 -11.75 -14.19
C PHE A 418 -18.70 -13.04 -14.93
N HIS A 419 -18.92 -14.17 -14.25
CA HIS A 419 -18.70 -15.50 -14.84
C HIS A 419 -19.84 -15.76 -15.78
N ALA A 420 -19.52 -15.98 -17.05
CA ALA A 420 -20.51 -16.34 -18.05
C ALA A 420 -20.70 -17.86 -18.02
N ASN A 421 -19.59 -18.57 -17.83
CA ASN A 421 -19.58 -20.02 -17.66
C ASN A 421 -18.33 -20.40 -16.87
N LYS A 422 -18.05 -21.70 -16.74
CA LYS A 422 -16.88 -22.18 -15.97
C LYS A 422 -15.55 -21.63 -16.48
N ASN A 423 -15.47 -21.37 -17.79
CA ASN A 423 -14.24 -20.88 -18.43
C ASN A 423 -14.16 -19.37 -18.71
N ASP A 424 -15.30 -18.74 -18.97
CA ASP A 424 -15.32 -17.37 -19.49
C ASP A 424 -15.89 -16.33 -18.54
N ASP A 425 -15.10 -15.28 -18.29
CA ASP A 425 -15.57 -14.08 -17.61
C ASP A 425 -15.92 -13.02 -18.67
N TYR A 426 -17.08 -12.38 -18.51
CA TYR A 426 -17.50 -11.25 -19.35
C TYR A 426 -17.48 -9.94 -18.57
N VAL A 427 -17.59 -8.83 -19.28
CA VAL A 427 -17.69 -7.50 -18.68
C VAL A 427 -18.74 -6.68 -19.43
N LYS A 428 -19.72 -6.18 -18.70
CA LYS A 428 -20.84 -5.42 -19.26
C LYS A 428 -21.32 -4.43 -18.20
N ARG A 429 -22.19 -3.52 -18.60
CA ARG A 429 -22.70 -2.49 -17.68
C ARG A 429 -24.04 -2.89 -17.09
N VAL A 430 -24.20 -2.65 -15.78
CA VAL A 430 -25.46 -2.88 -15.10
C VAL A 430 -26.44 -1.78 -15.47
N ILE A 431 -27.52 -2.19 -16.15
CA ILE A 431 -28.57 -1.25 -16.56
C ILE A 431 -29.81 -1.34 -15.65
N GLY A 432 -30.00 -2.47 -14.99
CA GLY A 432 -31.09 -2.61 -14.02
C GLY A 432 -30.74 -3.55 -12.89
N VAL A 433 -31.14 -3.18 -11.67
CA VAL A 433 -30.95 -4.01 -10.48
C VAL A 433 -32.28 -4.64 -10.03
N PRO A 434 -32.22 -5.65 -9.14
CA PRO A 434 -33.48 -6.25 -8.66
C PRO A 434 -34.46 -5.19 -8.18
N GLY A 435 -35.71 -5.28 -8.63
CA GLY A 435 -36.74 -4.33 -8.21
C GLY A 435 -36.99 -3.25 -9.24
N ASP A 436 -35.97 -2.94 -10.04
CA ASP A 436 -36.11 -1.96 -11.13
C ASP A 436 -36.99 -2.50 -12.23
N LYS A 437 -37.94 -1.66 -12.65
CA LYS A 437 -38.73 -1.89 -13.85
C LYS A 437 -37.98 -1.26 -15.01
N VAL A 438 -37.66 -2.05 -16.04
CA VAL A 438 -36.87 -1.53 -17.15
C VAL A 438 -37.37 -1.97 -18.51
N GLU A 439 -37.33 -1.05 -19.48
CA GLU A 439 -37.48 -1.39 -20.90
C GLU A 439 -36.83 -0.33 -21.80
N TYR A 440 -36.65 -0.70 -23.07
CA TYR A 440 -36.21 0.23 -24.09
C TYR A 440 -37.31 0.45 -25.10
N LYS A 441 -37.49 1.71 -25.46
CA LYS A 441 -38.30 2.10 -26.60
C LYS A 441 -37.32 2.74 -27.57
N ASN A 442 -36.97 1.99 -28.61
CA ASN A 442 -35.86 2.29 -29.49
C ASN A 442 -34.53 2.38 -28.73
N ASP A 443 -33.94 3.58 -28.66
CA ASP A 443 -32.68 3.76 -27.94
C ASP A 443 -32.91 4.46 -26.61
N THR A 444 -34.19 4.67 -26.25
CA THR A 444 -34.51 5.36 -25.00
C THR A 444 -34.73 4.38 -23.84
N LEU A 445 -33.93 4.58 -22.80
CA LEU A 445 -33.95 3.76 -21.60
C LEU A 445 -34.98 4.32 -20.63
N TYR A 446 -35.90 3.47 -20.20
CA TYR A 446 -36.87 3.80 -19.14
C TYR A 446 -36.62 2.89 -17.95
N VAL A 447 -36.31 3.51 -16.81
CA VAL A 447 -36.12 2.81 -15.55
C VAL A 447 -37.13 3.35 -14.55
N ASN A 448 -37.98 2.46 -14.02
CA ASN A 448 -38.99 2.82 -13.03
C ASN A 448 -39.88 3.97 -13.51
N GLY A 449 -40.31 3.88 -14.76
CA GLY A 449 -41.15 4.92 -15.37
C GLY A 449 -40.46 6.21 -15.81
N LYS A 450 -39.19 6.41 -15.47
CA LYS A 450 -38.47 7.61 -15.90
C LYS A 450 -37.43 7.30 -16.96
N LYS A 451 -37.44 8.08 -18.05
CA LYS A 451 -36.33 8.06 -18.99
C LYS A 451 -35.02 8.30 -18.22
N GLN A 452 -34.00 7.50 -18.53
CA GLN A 452 -32.67 7.70 -17.96
C GLN A 452 -31.71 7.94 -19.10
N ASP A 453 -30.96 9.02 -18.98
CA ASP A 453 -29.95 9.35 -19.94
C ASP A 453 -28.80 8.35 -19.79
N GLU A 454 -28.15 8.02 -20.91
CA GLU A 454 -26.98 7.15 -20.92
C GLU A 454 -25.80 7.86 -21.60
N PRO A 455 -25.13 8.77 -20.86
CA PRO A 455 -24.08 9.56 -21.52
C PRO A 455 -22.93 8.69 -22.05
N TYR A 456 -22.68 7.54 -21.41
CA TYR A 456 -21.64 6.59 -21.88
C TYR A 456 -21.90 5.97 -23.27
N LEU A 457 -23.10 6.17 -23.83
CA LEU A 457 -23.43 5.71 -25.19
C LEU A 457 -23.38 6.86 -26.23
N ASN A 458 -23.03 8.06 -25.78
CA ASN A 458 -23.10 9.24 -26.65
C ASN A 458 -22.32 9.08 -27.96
N TYR A 459 -21.11 8.56 -27.89
CA TYR A 459 -20.29 8.33 -29.09
C TYR A 459 -20.90 7.32 -30.05
N ASN A 460 -21.34 6.19 -29.52
CA ASN A 460 -21.93 5.13 -30.34
C ASN A 460 -23.30 5.54 -30.90
N LEU A 461 -24.07 6.30 -30.13
CA LEU A 461 -25.33 6.87 -30.64
C LEU A 461 -25.09 7.78 -31.83
N LYS A 462 -23.95 8.48 -31.83
CA LYS A 462 -23.65 9.43 -32.91
C LYS A 462 -22.72 8.92 -34.01
N HIS A 463 -22.40 7.63 -33.97
CA HIS A 463 -21.63 6.96 -35.01
C HIS A 463 -22.19 5.58 -35.24
N LYS A 464 -23.48 5.51 -35.54
CA LYS A 464 -24.16 4.23 -35.69
C LYS A 464 -24.31 3.83 -37.15
N GLN A 465 -24.27 2.53 -37.40
CA GLN A 465 -24.56 1.98 -38.72
C GLN A 465 -26.07 1.87 -38.96
N GLY A 466 -26.85 1.57 -37.92
CA GLY A 466 -28.31 1.37 -38.07
C GLY A 466 -29.17 2.52 -37.58
N ASP A 467 -30.48 2.30 -37.54
CA ASP A 467 -31.42 3.29 -37.03
C ASP A 467 -31.30 3.45 -35.53
N TYR A 468 -31.12 2.34 -34.84
CA TYR A 468 -31.04 2.33 -33.38
C TYR A 468 -29.93 1.36 -32.95
N ILE A 469 -29.21 1.69 -31.88
CA ILE A 469 -28.09 0.84 -31.48
C ILE A 469 -28.51 -0.22 -30.46
N THR A 470 -29.47 0.10 -29.60
CA THR A 470 -29.96 -0.87 -28.64
C THR A 470 -31.24 -1.53 -29.15
N GLY A 471 -32.24 -0.69 -29.43
CA GLY A 471 -33.53 -1.17 -29.93
C GLY A 471 -34.52 -1.55 -28.84
N THR A 472 -35.80 -1.46 -29.18
CA THR A 472 -36.89 -1.71 -28.25
C THR A 472 -36.82 -3.14 -27.69
N PHE A 473 -36.96 -3.27 -26.38
CA PHE A 473 -37.17 -4.56 -25.75
C PHE A 473 -37.68 -4.35 -24.34
N GLN A 474 -38.23 -5.41 -23.76
CA GLN A 474 -38.77 -5.38 -22.41
C GLN A 474 -38.18 -6.54 -21.62
N VAL A 475 -37.85 -6.26 -20.35
CA VAL A 475 -37.26 -7.25 -19.46
C VAL A 475 -38.07 -8.55 -19.42
N LYS A 476 -39.40 -8.45 -19.46
CA LYS A 476 -40.28 -9.61 -19.30
C LYS A 476 -40.13 -10.67 -20.40
N ASP A 477 -39.55 -10.29 -21.54
CA ASP A 477 -39.31 -11.22 -22.65
C ASP A 477 -37.94 -11.90 -22.63
N LEU A 478 -37.12 -11.61 -21.64
CA LEU A 478 -35.74 -12.11 -21.65
C LEU A 478 -35.60 -13.37 -20.82
N PRO A 479 -34.66 -14.25 -21.19
CA PRO A 479 -34.34 -15.39 -20.34
C PRO A 479 -34.04 -15.01 -18.88
N ASN A 480 -34.51 -15.85 -17.95
CA ASN A 480 -34.38 -15.65 -16.50
C ASN A 480 -35.13 -14.45 -15.91
N ALA A 481 -36.14 -13.96 -16.62
CA ALA A 481 -36.97 -12.86 -16.14
C ALA A 481 -38.32 -13.38 -15.69
N ASN A 482 -39.04 -12.53 -14.96
CA ASN A 482 -40.43 -12.80 -14.63
C ASN A 482 -41.28 -12.47 -15.87
N PRO A 483 -41.77 -13.51 -16.59
CA PRO A 483 -42.43 -13.23 -17.86
C PRO A 483 -43.73 -12.42 -17.72
N LYS A 484 -44.20 -12.27 -16.48
CA LYS A 484 -45.35 -11.42 -16.18
C LYS A 484 -44.98 -9.95 -15.95
N SER A 485 -43.69 -9.64 -15.82
CA SER A 485 -43.29 -8.31 -15.34
C SER A 485 -41.97 -7.80 -15.94
N ASN A 486 -41.90 -6.49 -16.11
CA ASN A 486 -40.64 -5.81 -16.47
C ASN A 486 -39.84 -5.44 -15.22
N VAL A 487 -40.38 -5.75 -14.05
CA VAL A 487 -39.66 -5.59 -12.79
C VAL A 487 -38.63 -6.71 -12.72
N ILE A 488 -37.38 -6.34 -12.46
CA ILE A 488 -36.27 -7.29 -12.45
C ILE A 488 -36.34 -8.12 -11.18
N PRO A 489 -36.37 -9.46 -11.30
CA PRO A 489 -36.49 -10.33 -10.14
C PRO A 489 -35.41 -10.15 -9.08
N LYS A 490 -35.72 -10.67 -7.89
CA LYS A 490 -34.80 -10.75 -6.79
C LYS A 490 -33.51 -11.44 -7.25
N GLY A 491 -32.36 -10.88 -6.90
CA GLY A 491 -31.07 -11.47 -7.25
C GLY A 491 -30.63 -11.43 -8.71
N LYS A 492 -31.43 -10.82 -9.58
CA LYS A 492 -31.14 -10.76 -11.02
C LYS A 492 -30.70 -9.37 -11.46
N TYR A 493 -29.93 -9.32 -12.55
CA TYR A 493 -29.40 -8.06 -13.09
C TYR A 493 -29.49 -8.00 -14.61
N LEU A 494 -29.79 -6.81 -15.12
CA LEU A 494 -29.85 -6.58 -16.56
C LEU A 494 -28.52 -5.94 -16.94
N VAL A 495 -27.77 -6.60 -17.82
CA VAL A 495 -26.48 -6.05 -18.25
C VAL A 495 -26.39 -5.91 -19.77
N LEU A 496 -25.86 -4.78 -20.21
CA LEU A 496 -25.69 -4.47 -21.61
C LEU A 496 -24.30 -3.94 -21.90
N GLY A 497 -23.77 -4.25 -23.08
CA GLY A 497 -22.47 -3.74 -23.49
C GLY A 497 -22.62 -2.37 -24.11
N ASP A 498 -21.68 -1.47 -23.81
CA ASP A 498 -21.76 -0.11 -24.33
C ASP A 498 -21.71 -0.03 -25.86
N ASN A 499 -21.03 -0.98 -26.51
CA ASN A 499 -21.04 -1.05 -27.95
C ASN A 499 -22.29 -1.81 -28.45
N ARG A 500 -23.42 -1.15 -28.27
CA ARG A 500 -24.73 -1.81 -28.28
C ARG A 500 -25.01 -2.52 -29.61
N GLU A 501 -24.55 -1.94 -30.70
CA GLU A 501 -24.77 -2.50 -32.03
C GLU A 501 -24.17 -3.90 -32.21
N VAL A 502 -23.05 -4.18 -31.57
CA VAL A 502 -22.40 -5.49 -31.71
C VAL A 502 -22.41 -6.36 -30.46
N SER A 503 -22.92 -5.86 -29.34
CA SER A 503 -22.73 -6.57 -28.05
C SER A 503 -23.69 -7.76 -27.86
N LYS A 504 -23.13 -8.91 -27.53
CA LYS A 504 -23.91 -10.05 -27.07
C LYS A 504 -24.07 -9.88 -25.59
N ASP A 505 -25.28 -9.54 -25.16
CA ASP A 505 -25.53 -9.23 -23.74
C ASP A 505 -26.91 -9.76 -23.27
N SER A 506 -27.50 -9.17 -22.23
CA SER A 506 -28.81 -9.63 -21.72
C SER A 506 -29.91 -9.64 -22.78
N ARG A 507 -29.76 -8.87 -23.86
CA ARG A 507 -30.72 -8.92 -24.95
C ARG A 507 -30.75 -10.33 -25.55
N ALA A 508 -29.58 -10.98 -25.61
CA ALA A 508 -29.48 -12.35 -26.13
C ALA A 508 -29.63 -13.39 -25.03
N PHE A 509 -28.75 -13.37 -24.03
CA PHE A 509 -28.72 -14.41 -22.98
C PHE A 509 -29.52 -14.11 -21.71
N GLY A 510 -30.17 -12.95 -21.65
CA GLY A 510 -31.08 -12.63 -20.56
C GLY A 510 -30.44 -12.12 -19.29
N LEU A 511 -31.23 -12.08 -18.22
CA LEU A 511 -30.78 -11.58 -16.93
C LEU A 511 -29.76 -12.52 -16.34
N ILE A 512 -28.76 -11.95 -15.67
CA ILE A 512 -27.73 -12.76 -15.02
C ILE A 512 -28.03 -12.76 -13.55
N ASP A 513 -27.37 -13.67 -12.85
CA ASP A 513 -27.56 -13.82 -11.43
C ASP A 513 -26.51 -13.07 -10.62
N GLU A 514 -26.92 -12.60 -9.45
CA GLU A 514 -26.03 -11.95 -8.50
C GLU A 514 -24.78 -12.76 -8.17
N ASP A 515 -24.91 -14.09 -8.13
CA ASP A 515 -23.79 -14.97 -7.77
C ASP A 515 -22.73 -15.10 -8.88
N GLN A 516 -23.05 -14.67 -10.10
CA GLN A 516 -22.09 -14.67 -11.19
C GLN A 516 -21.13 -13.50 -11.17
N ILE A 517 -21.46 -12.44 -10.41
CA ILE A 517 -20.70 -11.18 -10.46
C ILE A 517 -19.43 -11.23 -9.62
N VAL A 518 -18.30 -10.83 -10.20
CA VAL A 518 -17.03 -10.90 -9.47
C VAL A 518 -16.58 -9.53 -8.95
N GLY A 519 -16.83 -8.45 -9.71
CA GLY A 519 -16.41 -7.12 -9.28
C GLY A 519 -16.84 -5.98 -10.18
N LYS A 520 -16.55 -4.76 -9.74
CA LYS A 520 -16.82 -3.53 -10.50
C LYS A 520 -15.54 -2.99 -11.10
N VAL A 521 -15.55 -2.61 -12.38
CA VAL A 521 -14.38 -2.01 -13.00
C VAL A 521 -14.23 -0.58 -12.48
N SER A 522 -13.01 -0.19 -12.14
CA SER A 522 -12.73 1.17 -11.68
C SER A 522 -12.35 2.05 -12.86
N PHE A 523 -12.91 3.24 -12.90
CA PHE A 523 -12.57 4.19 -13.93
C PHE A 523 -11.96 5.43 -13.32
N ARG A 524 -10.98 5.97 -14.02
CA ARG A 524 -10.48 7.29 -13.72
C ARG A 524 -11.36 8.27 -14.49
N PHE A 525 -11.83 9.33 -13.82
CA PHE A 525 -12.53 10.39 -14.53
C PHE A 525 -11.48 11.39 -15.01
N TRP A 526 -11.60 11.81 -16.26
CA TRP A 526 -10.59 12.67 -16.88
C TRP A 526 -10.37 14.00 -16.15
N SER A 527 -11.46 14.57 -15.63
CA SER A 527 -11.40 15.84 -14.91
C SER A 527 -11.38 15.67 -13.40
N HIS A 528 -10.69 16.58 -12.74
CA HIS A 528 -10.72 16.71 -11.29
C HIS A 528 -10.36 18.14 -10.90
N PRO A 529 -10.56 18.51 -9.62
CA PRO A 529 -10.06 19.79 -9.14
C PRO A 529 -8.54 19.96 -9.29
N GLN A 530 -8.08 21.21 -9.27
CA GLN A 530 -6.65 21.50 -9.25
C GLN A 530 -6.22 21.67 -7.80
N ASP B 1 -2.66 -13.35 -15.60
CA ASP B 1 -3.64 -12.53 -16.41
C ASP B 1 -5.06 -13.08 -16.32
N HIS B 2 -5.94 -12.27 -15.76
CA HIS B 2 -7.37 -12.53 -15.80
C HIS B 2 -7.93 -11.75 -16.98
N ASP B 3 -8.65 -12.45 -17.85
CA ASP B 3 -9.25 -11.82 -19.02
C ASP B 3 -10.76 -11.73 -18.84
N ALA B 4 -11.32 -10.64 -19.34
CA ALA B 4 -12.76 -10.45 -19.34
C ALA B 4 -13.19 -10.04 -20.74
N HIS B 5 -14.18 -10.75 -21.26
CA HIS B 5 -14.66 -10.54 -22.63
C HIS B 5 -15.73 -9.47 -22.62
N ALA B 6 -15.49 -8.39 -23.37
CA ALA B 6 -16.41 -7.26 -23.40
C ALA B 6 -17.67 -7.58 -24.19
C1 GLC C . 11.40 4.07 5.72
C2 GLC C . 11.11 2.61 6.05
C3 GLC C . 9.89 2.06 5.33
C4 GLC C . 8.72 3.03 5.45
C5 GLC C . 9.11 4.43 4.95
C6 GLC C . 7.98 5.43 5.15
O1 GLC C . 11.98 4.12 4.44
O2 GLC C . 12.24 1.80 5.70
O3 GLC C . 9.56 0.81 5.94
O4 GLC C . 7.64 2.53 4.67
O5 GLC C . 10.22 4.88 5.73
O6 GLC C . 8.20 6.64 4.41
C1 GLC C . 6.59 1.84 5.37
C2 GLC C . 6.25 0.61 4.55
C3 GLC C . 5.73 1.05 3.19
C4 GLC C . 4.51 1.93 3.39
C5 GLC C . 4.86 3.12 4.26
C6 GLC C . 3.62 3.95 4.54
O2 GLC C . 7.41 -0.22 4.47
O3 GLC C . 5.39 -0.07 2.35
O4 GLC C . 3.97 2.35 2.15
O5 GLC C . 5.43 2.66 5.50
O6 GLC C . 3.99 5.17 5.19
#